data_1BI7
#
_entry.id   1BI7
#
_cell.length_a   123.100
_cell.length_b   123.100
_cell.length_c   112.500
_cell.angle_alpha   90.00
_cell.angle_beta   90.00
_cell.angle_gamma   90.00
#
_symmetry.space_group_name_H-M   'P 41 2 2'
#
loop_
_entity.id
_entity.type
_entity.pdbx_description
1 polymer 'CYCLIN-DEPENDENT KINASE 6'
2 polymer 'MULTIPLE TUMOR SUPPRESSOR'
#
loop_
_entity_poly.entity_id
_entity_poly.type
_entity_poly.pdbx_seq_one_letter_code
_entity_poly.pdbx_strand_id
1 'polypeptide(L)'
;MEKDGLCRADQQYECVAEIGEGAYGKVFKARDLKNGGRFVALKRVRVQTGEEGMPLSTIREVAVLRHLETFEHPNVVRLF
DVCTVSRTDRETKLTLVFEHVDQDLTTYLDKVPEPGVPTETIKDMMFQLLRGLDFLHSHRVVHRDLKPQNILVTSSGQIK
LADFGLARIYSFQMALTSVVVTLWYRAPEVLLQSSYATPVDLWSVGCIFAEMFRRKPLFRGSSDVDQLGKILDVIGLPGE
EDWPRDVALPRQAFHSKSAQPIEKFVTDIDELGKDLLLKCLTFNPAKRISAYSALSHPYFQDLERCKENLDSHLPPSQNT
SELNTA
;
A
2 'polypeptide(L)'
;MEPAAGSSMEPSADWLATAAARGRVEEVRALLEAGANPNAPNSYGRRPIQVMMMGSARVAELLLLHGAEPNCADPATLTR
PVHDAAREGFLDTLVVLHRAGARLDVRDAWGRLPVDLAEELGHRDVARYLRAAAGGTRGSNHARIDAAEGPSDIPD
;
B
#
# COMPACT_ATOMS: atom_id res chain seq x y z
N ASP A 10 24.61 3.52 13.78
CA ASP A 10 24.41 4.53 12.70
C ASP A 10 23.87 3.79 11.50
N GLN A 11 23.18 4.52 10.62
CA GLN A 11 22.62 3.94 9.42
C GLN A 11 23.38 4.16 8.10
N GLN A 12 23.53 3.03 7.41
CA GLN A 12 24.17 2.95 6.12
C GLN A 12 23.08 3.25 5.07
N TYR A 13 21.86 2.90 5.43
CA TYR A 13 20.68 3.14 4.61
C TYR A 13 20.47 4.64 4.65
N GLU A 14 20.34 5.27 3.47
CA GLU A 14 20.13 6.71 3.38
C GLU A 14 18.68 7.06 3.13
N CYS A 15 18.17 7.83 4.08
CA CYS A 15 16.82 8.29 4.10
C CYS A 15 16.56 9.04 2.84
N VAL A 16 15.79 8.43 1.95
CA VAL A 16 15.49 9.06 0.70
C VAL A 16 14.21 9.91 0.79
N ALA A 17 13.28 9.59 1.69
CA ALA A 17 12.07 10.40 1.83
C ALA A 17 11.16 9.93 2.90
N GLU A 18 10.43 10.85 3.50
CA GLU A 18 9.49 10.50 4.55
C GLU A 18 8.33 9.85 3.83
N ILE A 19 7.76 8.82 4.42
CA ILE A 19 6.65 8.12 3.80
C ILE A 19 5.54 7.79 4.79
N GLY A 20 5.62 8.32 6.00
CA GLY A 20 4.57 8.03 6.96
C GLY A 20 5.05 8.17 8.37
N GLU A 21 4.11 8.36 9.28
CA GLU A 21 4.43 8.56 10.67
C GLU A 21 3.59 7.52 11.37
N GLY A 22 4.22 6.46 11.80
CA GLY A 22 3.47 5.45 12.50
C GLY A 22 3.48 5.86 13.96
N ALA A 23 2.70 5.16 14.78
CA ALA A 23 2.64 5.45 16.21
C ALA A 23 4.05 5.50 16.79
N TYR A 24 4.72 4.36 16.71
CA TYR A 24 6.09 4.16 17.17
C TYR A 24 7.09 5.22 16.68
N GLY A 25 6.75 5.92 15.59
CA GLY A 25 7.63 6.93 15.05
C GLY A 25 7.39 7.22 13.58
N LYS A 26 8.47 7.47 12.86
CA LYS A 26 8.37 7.77 11.45
C LYS A 26 8.88 6.64 10.58
N VAL A 27 8.51 6.68 9.32
CA VAL A 27 8.93 5.68 8.35
C VAL A 27 9.20 6.40 7.05
N PHE A 28 10.40 6.21 6.52
CA PHE A 28 10.80 6.84 5.28
C PHE A 28 11.20 5.76 4.38
N LYS A 29 11.45 6.21 3.15
CA LYS A 29 11.95 5.41 2.09
C LYS A 29 13.42 5.75 2.24
N ALA A 30 14.25 4.78 1.91
CA ALA A 30 15.68 4.95 1.98
C ALA A 30 16.33 3.99 1.02
N ARG A 31 17.60 4.25 0.75
CA ARG A 31 18.35 3.40 -0.16
C ARG A 31 19.35 2.74 0.71
N ASP A 32 19.29 1.43 0.77
CA ASP A 32 20.22 0.65 1.57
C ASP A 32 21.52 0.70 0.80
N LEU A 33 22.46 1.48 1.30
CA LEU A 33 23.73 1.64 0.63
C LEU A 33 24.64 0.42 0.64
N LYS A 34 24.38 -0.55 1.52
CA LYS A 34 25.21 -1.75 1.56
C LYS A 34 24.90 -2.62 0.35
N ASN A 35 23.64 -2.61 -0.08
CA ASN A 35 23.24 -3.36 -1.28
C ASN A 35 23.15 -2.33 -2.39
N GLY A 36 22.52 -2.69 -3.51
CA GLY A 36 22.48 -1.78 -4.65
C GLY A 36 22.04 -0.34 -4.52
N GLY A 37 21.89 0.12 -3.29
CA GLY A 37 21.40 1.46 -3.08
C GLY A 37 19.91 1.24 -3.27
N ARG A 38 19.56 -0.05 -3.19
CA ARG A 38 18.20 -0.55 -3.31
C ARG A 38 17.29 0.20 -2.36
N PHE A 39 15.99 0.14 -2.62
CA PHE A 39 15.05 0.84 -1.77
C PHE A 39 14.68 0.01 -0.59
N VAL A 40 14.59 0.67 0.55
CA VAL A 40 14.27 -0.01 1.78
C VAL A 40 13.48 0.89 2.75
N ALA A 41 12.51 0.29 3.45
CA ALA A 41 11.66 1.01 4.39
C ALA A 41 12.32 1.09 5.76
N LEU A 42 12.51 2.29 6.29
CA LEU A 42 13.13 2.43 7.61
C LEU A 42 12.08 2.89 8.56
N LYS A 43 12.07 2.34 9.77
CA LYS A 43 11.12 2.76 10.80
C LYS A 43 12.01 3.08 12.01
N ARG A 44 12.28 4.37 12.20
CA ARG A 44 13.12 4.82 13.31
C ARG A 44 12.32 4.76 14.64
N VAL A 45 12.74 3.91 15.58
CA VAL A 45 12.04 3.77 16.86
C VAL A 45 12.85 4.23 18.06
N ARG A 46 12.15 4.48 19.16
CA ARG A 46 12.78 4.91 20.39
C ARG A 46 12.09 4.06 21.43
N VAL A 47 12.76 3.76 22.53
CA VAL A 47 12.13 2.95 23.56
C VAL A 47 12.13 3.59 24.96
N GLN A 48 12.74 2.91 25.91
CA GLN A 48 12.81 3.35 27.28
C GLN A 48 14.02 2.67 27.95
N GLU A 72 9.62 -15.71 9.48
CA GLU A 72 9.76 -14.71 8.41
C GLU A 72 8.51 -14.52 7.56
N HIS A 73 8.04 -15.61 7.00
CA HIS A 73 6.89 -15.67 6.13
C HIS A 73 7.02 -14.86 4.84
N PRO A 74 6.86 -15.56 3.73
CA PRO A 74 6.94 -15.05 2.37
C PRO A 74 6.03 -13.87 2.09
N ASN A 75 4.86 -13.87 2.70
CA ASN A 75 3.92 -12.79 2.46
C ASN A 75 4.02 -11.61 3.39
N VAL A 76 5.12 -11.53 4.13
CA VAL A 76 5.29 -10.43 5.04
C VAL A 76 6.56 -9.69 4.68
N VAL A 77 6.45 -8.37 4.63
CA VAL A 77 7.57 -7.50 4.31
C VAL A 77 8.69 -7.81 5.34
N ARG A 78 9.80 -8.39 4.87
CA ARG A 78 10.95 -8.77 5.71
C ARG A 78 11.63 -7.64 6.51
N LEU A 79 12.24 -7.96 7.64
CA LEU A 79 12.94 -6.95 8.42
C LEU A 79 14.46 -7.08 8.20
N PHE A 80 14.96 -6.36 7.20
CA PHE A 80 16.36 -6.39 6.86
C PHE A 80 17.34 -6.11 7.96
N ASP A 81 16.97 -5.31 8.95
CA ASP A 81 17.91 -5.00 10.04
C ASP A 81 17.33 -4.10 11.13
N VAL A 82 17.95 -4.17 12.31
CA VAL A 82 17.57 -3.35 13.45
C VAL A 82 18.85 -2.61 13.81
N CYS A 83 18.94 -1.37 13.38
CA CYS A 83 20.11 -0.56 13.64
C CYS A 83 19.91 0.20 14.96
N THR A 84 20.82 0.00 15.92
CA THR A 84 20.70 0.67 17.20
C THR A 84 21.36 2.02 17.13
N VAL A 85 20.55 3.07 17.23
CA VAL A 85 21.04 4.45 17.13
C VAL A 85 21.67 5.01 18.40
N SER A 86 21.15 4.68 19.57
CA SER A 86 21.72 5.22 20.79
C SER A 86 21.22 4.58 22.07
N ARG A 87 22.11 3.86 22.75
CA ARG A 87 21.79 3.21 24.03
C ARG A 87 22.01 4.30 25.07
N THR A 88 21.01 4.53 25.92
CA THR A 88 21.13 5.58 26.95
C THR A 88 20.57 5.18 28.30
N ASP A 89 20.44 6.19 29.17
CA ASP A 89 19.88 6.03 30.50
C ASP A 89 18.38 5.96 30.23
N ARG A 90 17.95 4.78 29.86
CA ARG A 90 16.56 4.49 29.56
C ARG A 90 16.01 5.36 28.44
N GLU A 91 16.08 4.77 27.26
CA GLU A 91 15.61 5.28 25.96
C GLU A 91 16.64 4.80 24.95
N THR A 92 16.19 4.26 23.82
CA THR A 92 17.13 3.75 22.82
C THR A 92 16.71 3.96 21.36
N LYS A 93 17.31 4.92 20.69
CA LYS A 93 16.96 5.17 19.30
C LYS A 93 17.43 3.94 18.48
N LEU A 94 16.51 3.36 17.70
CA LEU A 94 16.79 2.23 16.84
C LEU A 94 16.45 2.67 15.43
N THR A 95 16.47 1.74 14.49
CA THR A 95 16.13 2.07 13.11
C THR A 95 15.89 0.75 12.45
N LEU A 96 14.66 0.28 12.50
CA LEU A 96 14.39 -0.99 11.88
C LEU A 96 14.45 -0.71 10.39
N VAL A 97 14.87 -1.72 9.65
CA VAL A 97 15.04 -1.58 8.22
C VAL A 97 14.32 -2.71 7.53
N PHE A 98 13.13 -2.42 7.02
CA PHE A 98 12.29 -3.40 6.35
C PHE A 98 12.36 -3.39 4.85
N GLU A 99 12.15 -4.55 4.26
CA GLU A 99 12.20 -4.71 2.81
C GLU A 99 11.19 -3.85 2.10
N HIS A 100 11.48 -3.57 0.86
CA HIS A 100 10.53 -2.74 0.22
C HIS A 100 10.13 -3.10 -1.15
N VAL A 101 8.82 -3.09 -1.34
CA VAL A 101 8.24 -3.41 -2.62
C VAL A 101 7.62 -2.12 -3.10
N ASP A 102 8.20 -1.49 -4.10
CA ASP A 102 7.69 -0.20 -4.56
C ASP A 102 6.39 -0.14 -5.40
N GLN A 103 5.28 -0.57 -4.81
CA GLN A 103 3.97 -0.55 -5.47
C GLN A 103 2.90 -1.20 -4.57
N ASP A 104 1.91 -0.41 -4.20
CA ASP A 104 0.84 -0.94 -3.36
C ASP A 104 -0.28 -1.57 -4.18
N LEU A 105 -1.09 -2.41 -3.53
CA LEU A 105 -2.24 -3.04 -4.20
C LEU A 105 -3.15 -1.93 -4.76
N THR A 106 -3.06 -0.75 -4.16
CA THR A 106 -3.83 0.39 -4.63
C THR A 106 -3.33 0.72 -6.04
N THR A 107 -2.04 1.02 -6.23
CA THR A 107 -1.58 1.33 -7.60
C THR A 107 -1.68 0.10 -8.47
N TYR A 108 -1.64 -1.07 -7.83
CA TYR A 108 -1.76 -2.31 -8.56
C TYR A 108 -3.10 -2.28 -9.21
N LEU A 109 -4.15 -2.29 -8.41
CA LEU A 109 -5.52 -2.27 -8.93
C LEU A 109 -5.77 -1.05 -9.85
N ASP A 110 -5.16 0.08 -9.53
CA ASP A 110 -5.29 1.30 -10.33
C ASP A 110 -4.75 1.08 -11.74
N LYS A 111 -3.66 0.33 -11.82
CA LYS A 111 -2.91 0.04 -13.04
C LYS A 111 -3.47 -0.92 -14.11
N VAL A 112 -3.96 -2.07 -13.69
CA VAL A 112 -4.49 -3.11 -14.59
C VAL A 112 -5.30 -2.65 -15.82
N PRO A 113 -5.15 -3.34 -16.98
CA PRO A 113 -5.86 -3.07 -18.25
C PRO A 113 -7.39 -3.20 -18.04
N GLU A 114 -8.15 -2.22 -18.56
CA GLU A 114 -9.62 -2.08 -18.41
C GLU A 114 -10.65 -3.15 -18.02
N PRO A 115 -10.50 -4.40 -18.49
CA PRO A 115 -11.53 -5.34 -18.02
C PRO A 115 -11.49 -5.47 -16.48
N GLY A 116 -10.27 -5.50 -15.97
CA GLY A 116 -10.04 -5.61 -14.54
C GLY A 116 -8.90 -6.56 -14.29
N VAL A 117 -8.64 -6.79 -13.02
CA VAL A 117 -7.60 -7.71 -12.62
C VAL A 117 -8.05 -9.11 -13.03
N PRO A 118 -7.15 -9.91 -13.60
CA PRO A 118 -7.58 -11.25 -13.99
C PRO A 118 -8.09 -12.09 -12.77
N THR A 119 -9.07 -12.98 -12.99
CA THR A 119 -9.64 -13.81 -11.88
C THR A 119 -8.66 -14.78 -11.20
N GLU A 120 -7.87 -15.51 -11.99
CA GLU A 120 -6.87 -16.46 -11.48
C GLU A 120 -6.07 -15.71 -10.41
N THR A 121 -5.47 -14.61 -10.83
CA THR A 121 -4.63 -13.79 -9.97
C THR A 121 -5.27 -13.42 -8.62
N ILE A 122 -6.53 -12.97 -8.62
CA ILE A 122 -7.19 -12.59 -7.36
C ILE A 122 -7.06 -13.75 -6.38
N LYS A 123 -7.59 -14.91 -6.76
CA LYS A 123 -7.52 -16.09 -5.90
C LYS A 123 -6.12 -16.20 -5.31
N ASP A 124 -5.10 -15.94 -6.13
CA ASP A 124 -3.73 -16.02 -5.66
C ASP A 124 -3.41 -14.89 -4.71
N MET A 125 -3.49 -13.66 -5.18
CA MET A 125 -3.21 -12.50 -4.33
C MET A 125 -4.00 -12.67 -3.08
N MET A 126 -5.31 -12.79 -3.27
CA MET A 126 -6.25 -12.98 -2.19
C MET A 126 -5.73 -14.09 -1.30
N PHE A 127 -5.32 -15.17 -1.93
CA PHE A 127 -4.80 -16.29 -1.18
C PHE A 127 -3.56 -15.89 -0.39
N GLN A 128 -2.67 -15.16 -1.02
CA GLN A 128 -1.44 -14.75 -0.37
C GLN A 128 -1.77 -13.89 0.82
N LEU A 129 -2.55 -12.84 0.60
CA LEU A 129 -2.92 -11.90 1.64
C LEU A 129 -3.35 -12.64 2.91
N LEU A 130 -4.18 -13.65 2.73
CA LEU A 130 -4.67 -14.50 3.83
C LEU A 130 -3.54 -15.24 4.52
N ARG A 131 -2.85 -16.09 3.76
CA ARG A 131 -1.74 -16.85 4.32
C ARG A 131 -0.87 -15.91 5.16
N GLY A 132 -0.65 -14.70 4.65
CA GLY A 132 0.18 -13.73 5.35
C GLY A 132 -0.46 -13.25 6.60
N LEU A 133 -1.66 -12.73 6.45
CA LEU A 133 -2.41 -12.22 7.57
C LEU A 133 -2.54 -13.32 8.58
N ASP A 134 -2.58 -14.56 8.11
CA ASP A 134 -2.72 -15.65 9.03
C ASP A 134 -1.45 -15.71 9.86
N PHE A 135 -0.30 -15.75 9.16
CA PHE A 135 1.03 -15.83 9.80
C PHE A 135 1.21 -14.83 10.93
N LEU A 136 0.53 -13.69 10.85
CA LEU A 136 0.62 -12.69 11.90
C LEU A 136 -0.21 -13.11 13.13
N HIS A 137 -1.44 -13.56 12.91
CA HIS A 137 -2.30 -13.98 14.01
C HIS A 137 -1.63 -15.08 14.83
N SER A 138 -1.00 -15.98 14.10
CA SER A 138 -0.29 -17.11 14.65
C SER A 138 0.74 -16.71 15.67
N HIS A 139 1.10 -15.43 15.67
CA HIS A 139 2.04 -14.98 16.64
C HIS A 139 1.50 -13.75 17.31
N ARG A 140 0.30 -13.83 17.87
CA ARG A 140 -0.31 -12.69 18.61
C ARG A 140 -0.52 -11.35 17.87
N VAL A 141 -0.01 -11.24 16.66
CA VAL A 141 -0.07 -9.98 15.93
C VAL A 141 -1.38 -9.56 15.26
N VAL A 142 -1.82 -8.36 15.61
CA VAL A 142 -3.03 -7.81 15.00
C VAL A 142 -2.66 -6.52 14.30
N HIS A 143 -2.70 -6.60 12.97
CA HIS A 143 -2.39 -5.52 12.06
C HIS A 143 -3.26 -4.28 12.23
N ARG A 144 -4.56 -4.46 12.42
CA ARG A 144 -5.49 -3.35 12.63
C ARG A 144 -5.68 -2.34 11.50
N ASP A 145 -4.59 -1.87 10.92
CA ASP A 145 -4.64 -0.88 9.84
C ASP A 145 -4.26 -1.62 8.56
N LEU A 146 -5.03 -2.62 8.17
CA LEU A 146 -4.67 -3.37 6.96
C LEU A 146 -5.33 -2.85 5.69
N LYS A 147 -5.01 -1.62 5.30
CA LYS A 147 -5.58 -1.02 4.08
C LYS A 147 -4.83 -1.55 2.83
N PRO A 148 -5.38 -1.35 1.62
CA PRO A 148 -4.68 -1.84 0.43
C PRO A 148 -3.28 -1.18 0.38
N GLN A 149 -3.21 0.13 0.66
CA GLN A 149 -1.95 0.89 0.66
C GLN A 149 -0.85 0.34 1.56
N ASN A 150 -1.15 -0.74 2.25
CA ASN A 150 -0.23 -1.40 3.15
C ASN A 150 0.07 -2.76 2.56
N ILE A 151 -0.81 -3.24 1.70
CA ILE A 151 -0.58 -4.50 1.03
C ILE A 151 0.36 -4.12 -0.11
N LEU A 152 1.43 -4.87 -0.28
CA LEU A 152 2.31 -4.54 -1.37
C LEU A 152 2.20 -5.63 -2.43
N VAL A 153 2.22 -5.21 -3.68
CA VAL A 153 2.12 -6.17 -4.76
C VAL A 153 3.46 -6.04 -5.49
N THR A 154 4.29 -7.09 -5.48
CA THR A 154 5.59 -7.03 -6.15
C THR A 154 5.50 -7.03 -7.67
N SER A 155 6.67 -6.91 -8.30
CA SER A 155 6.79 -6.92 -9.75
C SER A 155 6.13 -8.21 -10.20
N SER A 156 6.44 -9.28 -9.48
CA SER A 156 5.90 -10.58 -9.77
C SER A 156 4.55 -10.84 -9.12
N GLY A 157 3.82 -9.78 -8.78
CA GLY A 157 2.51 -9.96 -8.15
C GLY A 157 2.52 -10.80 -6.86
N GLN A 158 3.68 -10.83 -6.22
CA GLN A 158 3.90 -11.56 -4.97
C GLN A 158 3.46 -10.56 -3.90
N ILE A 159 2.57 -10.96 -3.01
CA ILE A 159 2.07 -10.04 -2.01
C ILE A 159 2.81 -10.01 -0.68
N LYS A 160 2.86 -8.83 -0.08
CA LYS A 160 3.50 -8.66 1.21
C LYS A 160 2.72 -7.68 2.03
N LEU A 161 2.45 -8.07 3.26
CA LEU A 161 1.74 -7.20 4.19
C LEU A 161 2.79 -6.22 4.71
N ALA A 162 2.35 -5.01 5.08
CA ALA A 162 3.24 -3.97 5.63
C ALA A 162 2.38 -2.84 6.15
N ASP A 163 2.94 -1.99 6.99
CA ASP A 163 2.20 -0.84 7.51
C ASP A 163 3.05 0.40 7.47
N PHE A 164 2.45 1.51 7.00
CA PHE A 164 3.14 2.78 6.91
C PHE A 164 2.57 3.94 7.78
N GLY A 165 1.34 3.84 8.30
CA GLY A 165 0.78 4.93 9.12
C GLY A 165 0.63 6.28 8.45
N LEU A 166 1.22 6.37 7.27
CA LEU A 166 1.23 7.51 6.36
C LEU A 166 -0.03 8.35 6.39
N ALA A 167 -1.18 7.66 6.29
CA ALA A 167 -2.52 8.22 6.29
C ALA A 167 -2.90 8.99 5.02
N ARG A 168 -3.38 8.28 4.00
CA ARG A 168 -3.77 8.93 2.75
C ARG A 168 -5.20 9.47 2.90
N ILE A 169 -5.29 10.49 3.73
CA ILE A 169 -6.51 11.19 4.08
C ILE A 169 -7.22 11.70 2.76
N TYR A 170 -8.49 11.31 2.59
CA TYR A 170 -9.34 11.59 1.40
C TYR A 170 -10.37 12.75 1.44
N SER A 171 -10.96 13.01 0.26
CA SER A 171 -11.99 14.03 0.01
C SER A 171 -13.07 13.39 -0.89
N PHE A 172 -14.36 13.55 -0.53
CA PHE A 172 -15.51 12.94 -1.25
C PHE A 172 -16.02 13.42 -2.65
N GLN A 173 -16.93 12.63 -3.22
CA GLN A 173 -17.61 12.78 -4.54
C GLN A 173 -17.48 14.07 -5.37
N MET A 174 -16.32 14.30 -5.97
CA MET A 174 -16.08 15.48 -6.81
C MET A 174 -16.56 16.79 -6.17
N ALA A 175 -17.85 17.09 -6.32
CA ALA A 175 -18.44 18.32 -5.77
C ALA A 175 -18.96 18.16 -4.32
N LEU A 176 -18.58 17.07 -3.65
CA LEU A 176 -18.98 16.83 -2.26
C LEU A 176 -17.76 16.44 -1.40
N THR A 177 -16.65 17.12 -1.67
CA THR A 177 -15.36 16.91 -0.99
C THR A 177 -15.36 16.86 0.56
N SER A 178 -15.80 15.74 1.13
CA SER A 178 -15.80 15.54 2.58
C SER A 178 -14.43 14.89 2.89
N VAL A 179 -13.70 15.42 3.89
CA VAL A 179 -12.38 14.87 4.26
C VAL A 179 -12.55 13.56 5.05
N VAL A 180 -11.49 12.78 5.20
CA VAL A 180 -11.53 11.51 5.93
C VAL A 180 -10.14 10.94 5.86
N VAL A 181 -9.75 10.09 6.82
CA VAL A 181 -8.42 9.47 6.78
C VAL A 181 -8.51 8.00 6.36
N THR A 182 -9.36 7.74 5.35
CA THR A 182 -9.55 6.40 4.80
C THR A 182 -9.61 5.36 5.89
N LEU A 183 -10.81 5.14 6.40
CA LEU A 183 -11.05 4.18 7.45
C LEU A 183 -12.03 3.18 6.91
N TRP A 184 -12.04 3.10 5.59
CA TRP A 184 -12.96 2.25 4.83
C TRP A 184 -12.78 0.77 5.05
N TYR A 185 -11.60 0.42 5.51
CA TYR A 185 -11.31 -0.98 5.72
C TYR A 185 -11.47 -1.30 7.20
N ARG A 186 -12.00 -0.33 7.94
CA ARG A 186 -12.19 -0.53 9.36
C ARG A 186 -13.33 -1.49 9.60
N ALA A 187 -13.10 -2.35 10.57
CA ALA A 187 -14.07 -3.34 10.96
C ALA A 187 -15.18 -2.65 11.74
N PRO A 188 -16.37 -3.27 11.78
CA PRO A 188 -17.47 -2.63 12.53
C PRO A 188 -17.04 -2.56 13.98
N GLU A 189 -16.37 -3.61 14.46
CA GLU A 189 -15.89 -3.69 15.85
C GLU A 189 -15.19 -2.42 16.21
N VAL A 190 -14.02 -2.23 15.60
CA VAL A 190 -13.19 -1.05 15.83
C VAL A 190 -13.93 0.26 15.54
N LEU A 191 -14.93 0.20 14.66
CA LEU A 191 -15.69 1.41 14.34
C LEU A 191 -16.46 1.86 15.55
N LEU A 192 -17.37 1.00 16.00
CA LEU A 192 -18.22 1.26 17.16
C LEU A 192 -17.37 1.43 18.42
N GLN A 193 -16.17 0.89 18.34
CA GLN A 193 -15.18 0.91 19.40
C GLN A 193 -15.59 0.07 20.59
N SER A 194 -15.12 -1.17 20.55
CA SER A 194 -15.38 -2.14 21.61
C SER A 194 -14.35 -3.25 21.57
N SER A 195 -13.33 -3.08 20.73
CA SER A 195 -12.26 -4.06 20.59
C SER A 195 -11.35 -3.74 19.43
N TYR A 196 -10.35 -4.60 19.27
CA TYR A 196 -9.37 -4.53 18.21
C TYR A 196 -8.75 -5.92 18.25
N ALA A 197 -9.59 -6.93 18.04
CA ALA A 197 -9.15 -8.33 18.08
C ALA A 197 -8.46 -8.83 16.81
N THR A 198 -7.98 -10.08 16.86
CA THR A 198 -7.33 -10.73 15.71
C THR A 198 -8.21 -10.63 14.46
N PRO A 199 -9.52 -10.94 14.59
CA PRO A 199 -10.45 -10.87 13.45
C PRO A 199 -10.72 -9.51 12.87
N VAL A 200 -10.16 -8.45 13.44
CA VAL A 200 -10.39 -7.10 12.90
C VAL A 200 -9.79 -7.05 11.49
N ASP A 201 -8.60 -7.64 11.34
CA ASP A 201 -7.89 -7.70 10.08
C ASP A 201 -8.73 -8.44 9.05
N LEU A 202 -9.23 -9.60 9.47
CA LEU A 202 -10.03 -10.41 8.58
C LEU A 202 -11.21 -9.68 7.93
N TRP A 203 -11.78 -8.72 8.62
CA TRP A 203 -12.88 -7.97 8.04
C TRP A 203 -12.27 -7.16 6.91
N SER A 204 -11.09 -6.61 7.16
CA SER A 204 -10.41 -5.79 6.17
C SER A 204 -10.11 -6.62 4.93
N VAL A 205 -9.55 -7.82 5.13
CA VAL A 205 -9.21 -8.69 4.01
C VAL A 205 -10.42 -8.83 3.16
N GLY A 206 -11.58 -8.88 3.79
CA GLY A 206 -12.83 -8.97 3.04
C GLY A 206 -13.06 -7.70 2.24
N CYS A 207 -12.92 -6.54 2.87
CA CYS A 207 -13.12 -5.28 2.17
C CYS A 207 -12.20 -5.23 0.97
N ILE A 208 -10.94 -5.57 1.22
CA ILE A 208 -9.94 -5.60 0.19
C ILE A 208 -10.32 -6.63 -0.86
N PHE A 209 -10.77 -7.79 -0.42
CA PHE A 209 -11.16 -8.86 -1.34
C PHE A 209 -12.26 -8.39 -2.30
N ALA A 210 -13.29 -7.75 -1.74
CA ALA A 210 -14.38 -7.25 -2.55
C ALA A 210 -13.75 -6.27 -3.53
N GLU A 211 -12.87 -5.43 -2.99
CA GLU A 211 -12.18 -4.39 -3.76
C GLU A 211 -11.30 -4.89 -4.93
N MET A 212 -10.79 -6.11 -4.80
CA MET A 212 -9.94 -6.73 -5.83
C MET A 212 -10.69 -6.75 -7.14
N PHE A 213 -11.88 -7.34 -7.08
CA PHE A 213 -12.78 -7.43 -8.22
C PHE A 213 -13.12 -5.97 -8.52
N ARG A 214 -13.48 -5.28 -7.45
CA ARG A 214 -13.90 -3.88 -7.45
C ARG A 214 -13.12 -2.72 -8.08
N ARG A 215 -11.87 -2.50 -7.67
CA ARG A 215 -11.08 -1.37 -8.19
C ARG A 215 -11.86 -0.08 -7.86
N LYS A 216 -12.63 -0.17 -6.78
CA LYS A 216 -13.46 0.90 -6.23
C LYS A 216 -13.74 0.31 -4.85
N PRO A 217 -13.49 1.06 -3.77
CA PRO A 217 -13.71 0.57 -2.41
C PRO A 217 -15.15 0.13 -2.17
N LEU A 218 -15.35 -0.87 -1.31
CA LEU A 218 -16.70 -1.32 -1.01
C LEU A 218 -17.44 -0.34 -0.13
N PHE A 219 -16.76 0.27 0.84
CA PHE A 219 -17.44 1.19 1.73
C PHE A 219 -16.60 2.45 1.98
N ARG A 220 -16.93 3.58 1.35
CA ARG A 220 -16.14 4.81 1.54
C ARG A 220 -16.73 5.72 2.58
N GLY A 221 -16.38 5.50 3.83
CA GLY A 221 -16.89 6.34 4.89
C GLY A 221 -16.14 7.66 5.00
N SER A 222 -16.81 8.65 5.58
CA SER A 222 -16.20 9.95 5.79
C SER A 222 -15.91 9.96 7.28
N SER A 223 -16.95 9.86 8.08
CA SER A 223 -16.81 9.84 9.52
C SER A 223 -16.76 8.37 9.95
N ASP A 224 -16.51 8.14 11.25
CA ASP A 224 -16.46 6.80 11.82
C ASP A 224 -17.91 6.23 11.80
N VAL A 225 -18.89 7.13 11.82
CA VAL A 225 -20.31 6.76 11.79
C VAL A 225 -20.75 6.38 10.38
N ASP A 226 -20.43 7.24 9.41
CA ASP A 226 -20.79 7.03 8.00
C ASP A 226 -20.39 5.60 7.65
N GLN A 227 -19.11 5.31 7.85
CA GLN A 227 -18.58 3.98 7.56
C GLN A 227 -19.36 2.88 8.27
N LEU A 228 -19.67 3.09 9.56
CA LEU A 228 -20.40 2.08 10.31
C LEU A 228 -21.73 1.79 9.63
N GLY A 229 -22.35 2.84 9.13
CA GLY A 229 -23.61 2.65 8.43
C GLY A 229 -23.38 1.91 7.12
N LYS A 230 -22.60 2.52 6.22
CA LYS A 230 -22.32 1.97 4.90
C LYS A 230 -22.20 0.46 4.90
N ILE A 231 -21.40 -0.06 5.81
CA ILE A 231 -21.20 -1.50 5.91
C ILE A 231 -22.53 -2.19 6.04
N LEU A 232 -23.32 -1.70 6.99
CA LEU A 232 -24.63 -2.27 7.23
C LEU A 232 -25.47 -2.16 5.98
N ASP A 233 -25.44 -1.00 5.32
CA ASP A 233 -26.23 -0.79 4.12
C ASP A 233 -26.00 -1.94 3.15
N VAL A 234 -24.76 -2.37 3.07
CA VAL A 234 -24.44 -3.47 2.20
C VAL A 234 -24.80 -4.74 2.95
N ILE A 235 -24.01 -5.09 3.96
CA ILE A 235 -24.26 -6.31 4.70
C ILE A 235 -25.69 -6.44 5.28
N GLY A 236 -26.13 -5.45 6.05
CA GLY A 236 -27.45 -5.47 6.66
C GLY A 236 -27.37 -5.42 8.17
N LEU A 237 -28.33 -4.77 8.83
CA LEU A 237 -28.31 -4.66 10.30
C LEU A 237 -28.48 -6.00 10.99
N PRO A 238 -27.44 -6.47 11.71
CA PRO A 238 -27.52 -7.76 12.41
C PRO A 238 -28.50 -7.64 13.55
N GLY A 239 -28.98 -8.77 14.05
CA GLY A 239 -29.91 -8.74 15.16
C GLY A 239 -29.19 -8.22 16.39
N GLU A 240 -29.92 -7.61 17.33
CA GLU A 240 -29.32 -7.08 18.56
C GLU A 240 -28.70 -8.21 19.38
N GLU A 241 -27.50 -8.62 18.95
CA GLU A 241 -26.71 -9.69 19.58
C GLU A 241 -25.25 -9.65 19.09
N ASP A 242 -25.08 -9.69 17.78
CA ASP A 242 -23.75 -9.63 17.19
C ASP A 242 -23.25 -8.24 17.55
N TRP A 243 -24.19 -7.31 17.58
CA TRP A 243 -23.93 -5.91 17.91
C TRP A 243 -24.12 -5.70 19.43
N PRO A 244 -23.06 -5.34 20.16
CA PRO A 244 -23.08 -5.10 21.61
C PRO A 244 -24.00 -4.01 22.18
N ARG A 245 -24.12 -3.98 23.51
CA ARG A 245 -24.96 -3.04 24.26
C ARG A 245 -24.25 -1.70 24.52
N ASP A 246 -23.12 -1.78 25.21
CA ASP A 246 -22.34 -0.61 25.63
C ASP A 246 -21.82 0.27 24.53
N VAL A 247 -21.07 -0.36 23.62
CA VAL A 247 -20.41 0.25 22.50
C VAL A 247 -21.10 1.49 21.92
N ALA A 248 -20.28 2.46 21.54
CA ALA A 248 -20.72 3.75 21.01
C ALA A 248 -22.13 3.84 20.40
N LEU A 249 -22.23 3.72 19.08
CA LEU A 249 -23.52 3.85 18.38
C LEU A 249 -24.45 2.63 18.59
N PRO A 250 -25.66 2.85 19.17
CA PRO A 250 -26.62 1.76 19.41
C PRO A 250 -27.17 1.11 18.12
N ARG A 251 -27.26 -0.23 18.11
CA ARG A 251 -27.77 -1.00 16.95
C ARG A 251 -28.98 -0.35 16.28
N GLN A 252 -29.98 -0.05 17.10
CA GLN A 252 -31.23 0.56 16.65
C GLN A 252 -31.11 1.90 15.90
N ALA A 253 -30.03 2.63 16.12
CA ALA A 253 -29.82 3.92 15.45
C ALA A 253 -29.62 3.73 13.94
N PHE A 254 -29.07 2.59 13.58
CA PHE A 254 -28.85 2.26 12.19
C PHE A 254 -29.98 1.34 11.77
N HIS A 255 -31.21 1.74 12.08
CA HIS A 255 -32.43 1.02 11.74
C HIS A 255 -32.28 -0.13 10.74
N SER A 256 -32.65 -1.33 11.17
CA SER A 256 -32.57 -2.60 10.40
C SER A 256 -32.38 -2.54 8.88
N LYS A 257 -32.93 -1.49 8.28
CA LYS A 257 -32.87 -1.20 6.85
C LYS A 257 -31.76 -1.88 6.05
N SER A 258 -32.19 -2.63 5.04
CA SER A 258 -31.34 -3.34 4.09
C SER A 258 -30.95 -4.77 4.41
N ALA A 259 -30.37 -5.39 3.39
CA ALA A 259 -29.87 -6.76 3.38
C ALA A 259 -29.45 -6.93 1.92
N GLN A 260 -28.76 -5.91 1.42
CA GLN A 260 -28.32 -5.86 0.02
C GLN A 260 -27.44 -7.03 -0.42
N PRO A 261 -27.76 -7.63 -1.59
CA PRO A 261 -27.05 -8.76 -2.18
C PRO A 261 -25.63 -8.40 -2.59
N ILE A 262 -24.68 -9.24 -2.17
CA ILE A 262 -23.26 -9.04 -2.48
C ILE A 262 -23.01 -8.80 -3.96
N GLU A 263 -23.62 -9.65 -4.79
CA GLU A 263 -23.48 -9.56 -6.24
C GLU A 263 -23.71 -8.16 -6.82
N LYS A 264 -24.52 -7.36 -6.15
CA LYS A 264 -24.82 -6.01 -6.61
C LYS A 264 -23.58 -5.14 -6.68
N PHE A 265 -22.58 -5.41 -5.85
CA PHE A 265 -21.37 -4.58 -5.85
C PHE A 265 -20.05 -5.30 -6.08
N VAL A 266 -20.07 -6.62 -6.14
CA VAL A 266 -18.85 -7.37 -6.41
C VAL A 266 -19.20 -8.28 -7.59
N THR A 267 -19.46 -7.66 -8.75
CA THR A 267 -19.87 -8.41 -9.93
C THR A 267 -18.89 -9.46 -10.40
N ASP A 268 -19.34 -10.35 -11.27
CA ASP A 268 -18.46 -11.36 -11.81
C ASP A 268 -17.68 -12.08 -10.72
N ILE A 269 -18.20 -12.07 -9.50
CA ILE A 269 -17.51 -12.78 -8.41
C ILE A 269 -18.07 -14.21 -8.33
N ASP A 270 -17.27 -15.23 -8.63
CA ASP A 270 -17.78 -16.60 -8.59
C ASP A 270 -18.33 -17.02 -7.21
N GLU A 271 -19.09 -18.12 -7.20
CA GLU A 271 -19.74 -18.64 -6.00
C GLU A 271 -18.90 -18.75 -4.73
N LEU A 272 -17.86 -19.56 -4.76
CA LEU A 272 -17.01 -19.70 -3.59
C LEU A 272 -16.39 -18.37 -3.13
N GLY A 273 -16.28 -17.43 -4.05
CA GLY A 273 -15.71 -16.13 -3.71
C GLY A 273 -16.77 -15.40 -2.93
N LYS A 274 -17.95 -15.32 -3.51
CA LYS A 274 -19.12 -14.65 -2.91
C LYS A 274 -19.21 -15.22 -1.51
N ASP A 275 -18.88 -16.51 -1.41
CA ASP A 275 -18.89 -17.23 -0.16
C ASP A 275 -17.82 -16.68 0.77
N LEU A 276 -16.55 -17.05 0.55
CA LEU A 276 -15.45 -16.58 1.44
C LEU A 276 -15.49 -15.08 1.75
N LEU A 277 -15.97 -14.28 0.79
CA LEU A 277 -16.10 -12.83 0.94
C LEU A 277 -16.99 -12.54 2.17
N LEU A 278 -18.24 -13.01 2.14
CA LEU A 278 -19.18 -12.80 3.24
C LEU A 278 -18.67 -13.40 4.56
N LYS A 279 -17.95 -14.53 4.44
CA LYS A 279 -17.37 -15.21 5.59
C LYS A 279 -16.32 -14.34 6.29
N CYS A 280 -15.72 -13.41 5.55
CA CYS A 280 -14.70 -12.49 6.11
C CYS A 280 -15.40 -11.19 6.49
N LEU A 281 -16.38 -10.83 5.67
CA LEU A 281 -17.12 -9.58 5.85
C LEU A 281 -18.32 -9.81 6.73
N THR A 282 -18.10 -10.43 7.87
CA THR A 282 -19.20 -10.69 8.77
C THR A 282 -19.06 -9.87 10.05
N PHE A 283 -20.17 -9.30 10.48
CA PHE A 283 -20.24 -8.43 11.66
C PHE A 283 -19.59 -8.91 12.98
N ASN A 284 -20.00 -10.09 13.47
CA ASN A 284 -19.51 -10.64 14.75
C ASN A 284 -18.11 -11.27 14.65
N PRO A 285 -17.05 -10.56 15.08
CA PRO A 285 -15.66 -11.05 15.03
C PRO A 285 -15.44 -12.50 15.36
N ALA A 286 -15.99 -12.94 16.48
CA ALA A 286 -15.81 -14.33 16.86
C ALA A 286 -16.49 -15.25 15.84
N LYS A 287 -17.59 -14.77 15.27
CA LYS A 287 -18.37 -15.50 14.25
C LYS A 287 -17.74 -15.42 12.85
N ARG A 288 -17.11 -14.27 12.59
CA ARG A 288 -16.45 -13.98 11.33
C ARG A 288 -15.36 -15.01 11.14
N ILE A 289 -15.08 -15.37 9.89
CA ILE A 289 -14.05 -16.37 9.61
C ILE A 289 -12.63 -16.00 10.07
N SER A 290 -11.81 -17.03 10.34
CA SER A 290 -10.45 -16.81 10.77
C SER A 290 -9.54 -16.78 9.56
N ALA A 291 -8.31 -16.34 9.80
CA ALA A 291 -7.33 -16.29 8.74
C ALA A 291 -7.05 -17.72 8.38
N TYR A 292 -6.52 -18.44 9.36
CA TYR A 292 -6.14 -19.83 9.21
C TYR A 292 -7.16 -20.61 8.39
N SER A 293 -8.39 -20.62 8.87
CA SER A 293 -9.43 -21.32 8.17
C SER A 293 -9.68 -20.73 6.76
N ALA A 294 -9.65 -19.40 6.65
CA ALA A 294 -9.91 -18.76 5.35
C ALA A 294 -9.05 -19.35 4.26
N LEU A 295 -7.83 -19.72 4.61
CA LEU A 295 -6.91 -20.31 3.66
C LEU A 295 -7.51 -21.59 3.13
N SER A 296 -8.16 -22.34 4.02
CA SER A 296 -8.74 -23.63 3.67
C SER A 296 -10.05 -23.61 2.87
N HIS A 297 -10.78 -22.51 2.94
CA HIS A 297 -12.06 -22.38 2.23
C HIS A 297 -12.03 -22.90 0.79
N PRO A 298 -13.17 -23.42 0.30
CA PRO A 298 -13.23 -23.95 -1.07
C PRO A 298 -12.61 -23.06 -2.10
N TYR A 299 -13.06 -21.81 -2.17
CA TYR A 299 -12.55 -20.80 -3.12
C TYR A 299 -11.15 -21.03 -3.72
N PHE A 300 -10.18 -21.26 -2.86
CA PHE A 300 -8.82 -21.47 -3.33
C PHE A 300 -8.65 -22.92 -3.74
N GLN A 301 -9.54 -23.33 -4.64
CA GLN A 301 -9.56 -24.67 -5.17
C GLN A 301 -8.89 -24.48 -6.53
N GLU B 10 12.08 27.77 2.42
CA GLU B 10 10.84 26.98 2.63
C GLU B 10 10.69 25.97 1.48
N PRO B 11 10.17 24.74 1.77
CA PRO B 11 9.98 23.68 0.76
C PRO B 11 8.66 23.55 -0.02
N SER B 12 7.66 22.90 0.58
CA SER B 12 6.36 22.62 -0.05
C SER B 12 6.61 21.45 -0.99
N ALA B 13 7.63 21.57 -1.84
CA ALA B 13 7.99 20.49 -2.74
C ALA B 13 8.85 19.55 -1.89
N ASP B 14 8.16 18.86 -1.00
CA ASP B 14 8.71 17.89 -0.07
C ASP B 14 7.44 17.08 0.09
N TRP B 15 6.33 17.80 0.17
CA TRP B 15 4.99 17.23 0.27
C TRP B 15 4.86 16.46 -1.01
N LEU B 16 5.35 17.08 -2.07
CA LEU B 16 5.31 16.48 -3.38
C LEU B 16 6.15 15.18 -3.43
N ALA B 17 7.30 15.19 -2.75
CA ALA B 17 8.15 13.99 -2.75
C ALA B 17 7.41 12.82 -2.12
N THR B 18 6.97 12.98 -0.87
CA THR B 18 6.25 11.90 -0.18
C THR B 18 5.06 11.52 -1.02
N ALA B 19 4.47 12.49 -1.70
CA ALA B 19 3.32 12.21 -2.57
C ALA B 19 3.80 11.19 -3.58
N ALA B 20 4.69 11.62 -4.45
CA ALA B 20 5.25 10.77 -5.47
C ALA B 20 5.72 9.46 -4.82
N ALA B 21 6.37 9.58 -3.67
CA ALA B 21 6.88 8.43 -2.97
C ALA B 21 5.77 7.50 -2.51
N ARG B 22 4.69 8.09 -2.03
CA ARG B 22 3.57 7.31 -1.53
C ARG B 22 2.72 6.90 -2.68
N GLY B 23 3.13 7.30 -3.88
CA GLY B 23 2.36 7.01 -5.07
C GLY B 23 0.95 7.58 -4.98
N ARG B 24 0.86 8.83 -4.54
CA ARG B 24 -0.42 9.55 -4.40
C ARG B 24 -0.77 10.36 -5.65
N VAL B 25 -1.10 9.63 -6.71
CA VAL B 25 -1.44 10.20 -8.01
C VAL B 25 -2.16 11.50 -7.79
N GLU B 26 -3.31 11.42 -7.13
CA GLU B 26 -4.10 12.60 -6.91
C GLU B 26 -3.43 13.73 -6.15
N GLU B 27 -2.76 13.44 -5.05
CA GLU B 27 -2.10 14.50 -4.30
C GLU B 27 -0.95 15.05 -5.15
N VAL B 28 -0.24 14.18 -5.85
CA VAL B 28 0.86 14.60 -6.69
C VAL B 28 0.31 15.59 -7.69
N ARG B 29 -0.75 15.20 -8.36
CA ARG B 29 -1.42 16.05 -9.33
C ARG B 29 -1.75 17.35 -8.59
N ALA B 30 -2.72 17.27 -7.69
CA ALA B 30 -3.19 18.42 -6.90
C ALA B 30 -2.04 19.28 -6.49
N LEU B 31 -1.15 18.69 -5.71
CA LEU B 31 0.04 19.34 -5.19
C LEU B 31 0.65 20.13 -6.33
N LEU B 32 0.82 19.47 -7.45
CA LEU B 32 1.35 20.11 -8.62
C LEU B 32 0.44 21.23 -9.11
N GLU B 33 -0.77 20.87 -9.55
CA GLU B 33 -1.74 21.83 -10.06
C GLU B 33 -2.35 22.70 -8.98
N ALA B 34 -1.55 22.91 -7.94
CA ALA B 34 -1.85 23.74 -6.80
C ALA B 34 -0.60 24.59 -6.59
N GLY B 35 0.26 24.60 -7.61
CA GLY B 35 1.48 25.37 -7.55
C GLY B 35 2.55 24.73 -6.68
N ALA B 36 3.13 23.63 -7.16
CA ALA B 36 4.17 22.94 -6.42
C ALA B 36 5.28 22.66 -7.40
N ASN B 37 6.52 22.85 -6.95
CA ASN B 37 7.63 22.66 -7.85
C ASN B 37 8.00 21.26 -8.22
N PRO B 38 7.81 20.92 -9.51
CA PRO B 38 8.11 19.61 -10.07
C PRO B 38 9.57 19.40 -10.34
N ASN B 39 10.45 19.84 -9.44
CA ASN B 39 11.87 19.66 -9.69
C ASN B 39 12.72 19.88 -8.46
N ALA B 40 12.07 20.26 -7.36
CA ALA B 40 12.77 20.55 -6.11
C ALA B 40 13.39 19.42 -5.29
N PRO B 41 14.47 19.73 -4.56
CA PRO B 41 15.14 18.75 -3.71
C PRO B 41 14.15 18.59 -2.55
N ASN B 42 14.04 17.41 -1.97
CA ASN B 42 13.04 17.18 -0.91
C ASN B 42 13.41 17.33 0.56
N SER B 43 14.34 18.20 0.89
CA SER B 43 14.79 18.39 2.28
C SER B 43 15.69 17.22 2.66
N TYR B 44 15.61 16.19 1.83
CA TYR B 44 16.43 15.01 1.96
C TYR B 44 17.25 15.01 0.64
N GLY B 45 17.12 16.10 -0.12
CA GLY B 45 17.85 16.21 -1.37
C GLY B 45 17.68 14.99 -2.26
N ARG B 46 16.65 15.05 -3.08
CA ARG B 46 16.28 13.99 -4.00
C ARG B 46 14.91 14.48 -4.44
N ARG B 47 14.73 14.76 -5.71
CA ARG B 47 13.43 15.23 -6.17
C ARG B 47 12.50 14.06 -6.38
N PRO B 48 11.19 14.34 -6.47
CA PRO B 48 10.27 13.23 -6.69
C PRO B 48 10.68 12.70 -8.04
N ILE B 49 10.02 11.67 -8.52
CA ILE B 49 10.39 11.10 -9.83
C ILE B 49 11.79 10.58 -9.71
N GLN B 50 12.18 10.40 -8.47
CA GLN B 50 13.48 9.93 -8.13
C GLN B 50 13.13 9.18 -6.91
N VAL B 51 12.17 9.75 -6.19
CA VAL B 51 11.68 9.16 -4.95
C VAL B 51 10.24 8.62 -5.10
N MET B 52 9.68 8.77 -6.30
CA MET B 52 8.33 8.31 -6.55
C MET B 52 8.21 6.80 -6.40
N MET B 53 6.98 6.35 -6.34
CA MET B 53 6.73 4.95 -6.24
C MET B 53 6.82 4.37 -7.63
N MET B 54 7.99 3.87 -8.03
CA MET B 54 8.11 3.21 -9.34
C MET B 54 6.93 2.28 -9.31
N GLY B 55 6.34 1.97 -10.43
CA GLY B 55 5.20 1.10 -10.29
C GLY B 55 3.94 1.92 -10.14
N SER B 56 4.11 3.23 -9.94
CA SER B 56 2.95 4.12 -9.91
C SER B 56 3.13 4.93 -11.19
N ALA B 57 3.09 4.20 -12.31
CA ALA B 57 3.24 4.76 -13.65
C ALA B 57 2.46 6.04 -13.75
N ARG B 58 1.19 5.98 -13.33
CA ARG B 58 0.37 7.17 -13.37
C ARG B 58 1.13 8.34 -12.71
N VAL B 59 1.86 8.08 -11.62
CA VAL B 59 2.59 9.17 -10.98
C VAL B 59 3.83 9.61 -11.73
N ALA B 60 4.61 8.66 -12.22
CA ALA B 60 5.80 9.01 -12.98
C ALA B 60 5.32 9.83 -14.16
N GLU B 61 4.35 9.28 -14.87
CA GLU B 61 3.75 9.92 -16.03
C GLU B 61 3.24 11.31 -15.67
N LEU B 62 2.64 11.43 -14.49
CA LEU B 62 2.08 12.70 -14.03
C LEU B 62 3.13 13.76 -13.92
N LEU B 63 4.15 13.49 -13.13
CA LEU B 63 5.23 14.43 -12.93
C LEU B 63 5.95 14.69 -14.26
N LEU B 64 6.43 13.63 -14.91
CA LEU B 64 7.18 13.76 -16.18
C LEU B 64 6.58 14.79 -17.11
N LEU B 65 5.37 14.48 -17.56
CA LEU B 65 4.62 15.32 -18.48
C LEU B 65 3.97 16.44 -17.66
N HIS B 66 4.82 17.13 -16.90
CA HIS B 66 4.38 18.19 -16.02
C HIS B 66 5.58 19.06 -15.59
N GLY B 67 6.66 18.96 -16.36
CA GLY B 67 7.85 19.72 -16.05
C GLY B 67 8.71 18.93 -15.12
N ALA B 68 9.02 17.70 -15.51
CA ALA B 68 9.83 16.87 -14.67
C ALA B 68 11.00 16.18 -15.33
N GLU B 69 12.14 16.83 -15.16
CA GLU B 69 13.45 16.40 -15.62
C GLU B 69 13.62 14.97 -15.17
N PRO B 70 13.59 14.05 -16.12
CA PRO B 70 13.74 12.64 -15.80
C PRO B 70 15.17 12.20 -15.52
N ASN B 71 16.14 13.06 -15.80
CA ASN B 71 17.53 12.66 -15.58
C ASN B 71 18.09 13.22 -14.29
N CYS B 72 18.28 12.36 -13.31
CA CYS B 72 18.81 12.80 -12.03
C CYS B 72 19.57 11.73 -11.30
N ALA B 73 20.82 12.05 -10.93
CA ALA B 73 21.66 11.13 -10.20
C ALA B 73 21.30 11.28 -8.70
N ASP B 74 21.13 10.16 -8.01
CA ASP B 74 20.76 10.12 -6.58
C ASP B 74 21.97 10.43 -5.68
N PRO B 75 22.15 11.72 -5.25
CA PRO B 75 23.27 12.14 -4.41
C PRO B 75 24.21 11.02 -4.08
N ALA B 76 24.04 10.35 -2.94
CA ALA B 76 24.93 9.24 -2.63
C ALA B 76 24.90 8.17 -3.73
N THR B 77 23.86 7.34 -3.73
CA THR B 77 23.70 6.24 -4.69
C THR B 77 24.10 6.44 -6.13
N LEU B 78 23.75 7.61 -6.65
CA LEU B 78 24.00 7.95 -8.04
C LEU B 78 22.97 7.24 -8.95
N THR B 79 22.16 6.34 -8.37
CA THR B 79 21.14 5.60 -9.13
C THR B 79 20.16 6.59 -9.74
N ARG B 80 19.51 6.18 -10.82
CA ARG B 80 18.55 7.03 -11.51
C ARG B 80 17.21 6.31 -11.53
N PRO B 81 16.10 7.04 -11.77
CA PRO B 81 14.77 6.42 -11.81
C PRO B 81 14.75 5.18 -12.72
N VAL B 82 14.94 5.36 -14.01
CA VAL B 82 14.93 4.21 -14.92
C VAL B 82 15.64 3.00 -14.31
N HIS B 83 16.63 3.25 -13.45
CA HIS B 83 17.32 2.15 -12.78
C HIS B 83 16.34 1.46 -11.88
N ASP B 84 15.87 2.21 -10.88
CA ASP B 84 14.90 1.74 -9.89
C ASP B 84 13.72 1.05 -10.54
N ALA B 85 13.14 1.72 -11.52
CA ALA B 85 12.02 1.17 -12.23
C ALA B 85 12.47 -0.21 -12.69
N ALA B 86 13.68 -0.29 -13.24
CA ALA B 86 14.23 -1.55 -13.72
C ALA B 86 14.44 -2.57 -12.61
N ARG B 87 14.94 -2.15 -11.44
CA ARG B 87 15.16 -3.11 -10.35
C ARG B 87 13.88 -3.64 -9.64
N GLU B 88 12.80 -2.85 -9.65
CA GLU B 88 11.56 -3.26 -9.01
C GLU B 88 10.64 -3.95 -10.00
N GLY B 89 11.07 -3.94 -11.27
CA GLY B 89 10.35 -4.58 -12.35
C GLY B 89 9.19 -3.82 -13.00
N PHE B 90 9.02 -2.57 -12.64
CA PHE B 90 7.91 -1.83 -13.19
C PHE B 90 8.18 -1.24 -14.54
N LEU B 91 8.01 -2.10 -15.54
CA LEU B 91 8.24 -1.69 -16.91
C LEU B 91 7.46 -0.40 -17.14
N ASP B 92 6.24 -0.39 -16.61
CA ASP B 92 5.33 0.73 -16.69
C ASP B 92 6.06 2.03 -16.50
N THR B 93 6.52 2.26 -15.27
CA THR B 93 7.25 3.49 -14.94
C THR B 93 8.48 3.64 -15.83
N LEU B 94 9.17 2.53 -16.10
CA LEU B 94 10.37 2.60 -16.93
C LEU B 94 10.01 3.23 -18.25
N VAL B 95 9.14 2.57 -18.99
CA VAL B 95 8.73 3.11 -20.26
C VAL B 95 8.27 4.56 -20.20
N VAL B 96 7.38 4.89 -19.28
CA VAL B 96 6.93 6.28 -19.20
C VAL B 96 8.14 7.18 -19.00
N LEU B 97 9.04 6.72 -18.16
CA LEU B 97 10.25 7.46 -17.88
C LEU B 97 11.03 7.57 -19.18
N HIS B 98 11.09 6.45 -19.91
CA HIS B 98 11.83 6.37 -21.15
C HIS B 98 11.32 7.34 -22.19
N ARG B 99 10.09 7.15 -22.66
CA ARG B 99 9.51 8.06 -23.66
C ARG B 99 9.71 9.52 -23.24
N ALA B 100 9.68 9.77 -21.92
CA ALA B 100 9.84 11.10 -21.35
C ALA B 100 11.21 11.71 -21.60
N GLY B 101 12.25 10.88 -21.58
CA GLY B 101 13.58 11.39 -21.81
C GLY B 101 14.72 10.66 -21.13
N ALA B 102 14.50 10.15 -19.93
CA ALA B 102 15.57 9.45 -19.22
C ALA B 102 16.24 8.40 -20.09
N ARG B 103 17.56 8.47 -20.18
CA ARG B 103 18.26 7.50 -21.01
C ARG B 103 18.49 6.14 -20.35
N LEU B 104 17.87 5.14 -20.96
CA LEU B 104 17.93 3.76 -20.50
C LEU B 104 19.30 3.05 -20.53
N ASP B 105 20.39 3.82 -20.50
CA ASP B 105 21.77 3.28 -20.48
C ASP B 105 22.63 4.31 -19.73
N VAL B 106 22.44 4.33 -18.42
CA VAL B 106 23.10 5.21 -17.47
C VAL B 106 23.64 4.28 -16.40
N ARG B 107 24.66 4.73 -15.66
CA ARG B 107 25.24 3.89 -14.62
C ARG B 107 25.14 4.54 -13.26
N ASP B 108 25.15 3.67 -12.26
CA ASP B 108 25.07 4.08 -10.86
C ASP B 108 26.44 3.95 -10.24
N ALA B 109 26.54 4.26 -8.95
CA ALA B 109 27.79 4.16 -8.20
C ALA B 109 28.48 2.81 -8.36
N TRP B 110 27.71 1.75 -8.49
CA TRP B 110 28.30 0.41 -8.65
C TRP B 110 28.44 0.12 -10.13
N GLY B 111 28.29 1.18 -10.92
CA GLY B 111 28.37 1.06 -12.37
C GLY B 111 27.40 0.05 -12.93
N ARG B 112 26.11 0.38 -12.92
CA ARG B 112 25.12 -0.55 -13.44
C ARG B 112 24.04 0.07 -14.34
N LEU B 113 23.79 -0.58 -15.48
CA LEU B 113 22.77 -0.18 -16.45
C LEU B 113 21.44 -0.68 -15.85
N PRO B 114 20.32 0.07 -16.02
CA PRO B 114 19.05 -0.38 -15.45
C PRO B 114 18.89 -1.80 -15.91
N VAL B 115 19.33 -2.01 -17.14
CA VAL B 115 19.34 -3.30 -17.78
C VAL B 115 19.95 -4.35 -16.85
N ASP B 116 21.18 -4.08 -16.40
CA ASP B 116 21.92 -4.99 -15.53
C ASP B 116 21.07 -5.33 -14.31
N LEU B 117 20.46 -4.30 -13.72
CA LEU B 117 19.59 -4.46 -12.56
C LEU B 117 18.46 -5.41 -12.90
N ALA B 118 17.67 -4.99 -13.88
CA ALA B 118 16.55 -5.79 -14.34
C ALA B 118 16.98 -7.21 -14.72
N GLU B 119 18.10 -7.32 -15.43
CA GLU B 119 18.59 -8.63 -15.85
C GLU B 119 18.93 -9.45 -14.63
N GLU B 120 19.57 -8.78 -13.69
CA GLU B 120 20.02 -9.39 -12.44
C GLU B 120 18.86 -9.96 -11.61
N LEU B 121 17.91 -9.11 -11.22
CA LEU B 121 16.78 -9.56 -10.41
C LEU B 121 15.88 -10.59 -11.09
N GLY B 122 16.08 -10.78 -12.40
CA GLY B 122 15.27 -11.73 -13.15
C GLY B 122 14.00 -11.15 -13.75
N HIS B 123 14.02 -9.85 -14.00
CA HIS B 123 12.85 -9.17 -14.55
C HIS B 123 12.84 -9.28 -16.08
N ARG B 124 12.57 -10.50 -16.55
CA ARG B 124 12.52 -10.87 -17.98
C ARG B 124 11.96 -9.73 -18.83
N ASP B 125 10.72 -9.38 -18.55
CA ASP B 125 10.05 -8.29 -19.25
C ASP B 125 10.93 -7.05 -19.44
N VAL B 126 11.29 -6.39 -18.34
CA VAL B 126 12.11 -5.19 -18.40
C VAL B 126 13.39 -5.53 -19.10
N ALA B 127 13.89 -6.72 -18.82
CA ALA B 127 15.10 -7.18 -19.45
C ALA B 127 14.86 -7.02 -20.94
N ARG B 128 13.68 -7.39 -21.41
CA ARG B 128 13.40 -7.25 -22.82
C ARG B 128 13.27 -5.83 -23.29
N TYR B 129 12.42 -5.06 -22.63
CA TYR B 129 12.25 -3.69 -23.06
C TYR B 129 13.54 -2.90 -23.07
N LEU B 130 14.54 -3.43 -22.41
CA LEU B 130 15.80 -2.73 -22.36
C LEU B 130 16.88 -3.39 -23.21
N ARG B 131 16.78 -4.71 -23.40
CA ARG B 131 17.71 -5.51 -24.19
C ARG B 131 17.18 -5.37 -25.61
N ALA B 132 16.78 -4.15 -25.92
CA ALA B 132 16.18 -3.74 -27.17
C ALA B 132 15.95 -2.26 -26.89
N ALA B 133 15.69 -1.47 -27.92
CA ALA B 133 15.49 -0.02 -27.75
C ALA B 133 16.77 0.58 -27.16
N ALA B 134 17.83 -0.23 -27.23
CA ALA B 134 19.16 0.08 -26.73
C ALA B 134 20.01 -1.07 -27.28
#